data_4FK9
#
_entry.id   4FK9
#
_cell.length_a   62.805
_cell.length_b   102.360
_cell.length_c   45.346
_cell.angle_alpha   90.000
_cell.angle_beta   90.000
_cell.angle_gamma   90.000
#
_symmetry.space_group_name_H-M   'P 21 21 2'
#
loop_
_entity.id
_entity.type
_entity.pdbx_description
1 polymer 'Cellulose-binding family II'
2 non-polymer 'MAGNESIUM ION'
3 non-polymer 'CHLORIDE ION'
4 water water
#
_entity_poly.entity_id   1
_entity_poly.type   'polypeptide(L)'
_entity_poly.pdbx_seq_one_letter_code
;MGHHHHHHHHAIAENLYFQSAAGLHISDGRLVEGNGNDFVMRGINHAHTWYPGETQSLADIKATGANTVRVVLSDGYRWS
ENSPEDVASIIARCKAERLICVLEVHDTTGYGEDAAAGTLDHAADYWIGLKDVLDGEEDYVVINIGNEPWGNADPAGWTA
PTTAAIQKLRAAGFAHTIMVDAPNWGQDWEGVMRADARSVYDADPTGNLIFSIHMYSVYDTAAKVTDYLNAFVDAGLPLL
IGEFGGPADQYGDPDEDTMMATAEELGLGYLAWSWSGNTDPVLDLVLDFDPTRLSSWGERVLHGPDGITETSREATVFGG
GQGGGDTEAPTAPGTPT
;
_entity_poly.pdbx_strand_id   A
#
loop_
_chem_comp.id
_chem_comp.type
_chem_comp.name
_chem_comp.formula
CL non-polymer 'CHLORIDE ION' 'Cl -1'
MG non-polymer 'MAGNESIUM ION' 'Mg 2'
#
# COMPACT_ATOMS: atom_id res chain seq x y z
N HIS A 5 -36.60 -34.85 16.29
CA HIS A 5 -37.16 -33.55 16.63
C HIS A 5 -36.05 -32.50 16.73
N HIS A 6 -36.35 -31.26 16.39
CA HIS A 6 -35.37 -30.20 16.56
C HIS A 6 -35.28 -29.80 18.04
N HIS A 7 -34.07 -29.48 18.49
CA HIS A 7 -33.84 -29.15 19.89
C HIS A 7 -34.70 -27.96 20.36
N HIS A 8 -35.09 -27.12 19.41
CA HIS A 8 -36.04 -26.05 19.63
C HIS A 8 -35.60 -25.07 20.72
N HIS A 9 -34.31 -24.75 20.73
CA HIS A 9 -33.76 -23.82 21.71
C HIS A 9 -33.83 -22.42 21.12
N HIS A 10 -33.95 -21.44 21.99
CA HIS A 10 -33.97 -20.03 21.61
C HIS A 10 -33.00 -19.22 22.44
N ALA A 11 -31.74 -19.28 22.03
CA ALA A 11 -30.67 -18.56 22.68
C ALA A 11 -30.32 -17.31 21.88
N ILE A 12 -29.70 -16.34 22.55
CA ILE A 12 -29.12 -15.21 21.86
C ILE A 12 -27.61 -15.24 22.11
N ALA A 13 -26.85 -14.77 21.13
CA ALA A 13 -25.40 -14.87 21.19
C ALA A 13 -24.76 -13.63 21.80
N GLU A 14 -23.96 -13.83 22.84
CA GLU A 14 -23.04 -12.82 23.29
C GLU A 14 -21.82 -12.90 22.38
N ASN A 15 -21.11 -11.80 22.20
CA ASN A 15 -19.91 -11.81 21.37
C ASN A 15 -18.79 -12.56 22.10
N LEU A 16 -17.94 -13.22 21.32
CA LEU A 16 -16.82 -13.98 21.87
C LEU A 16 -16.11 -13.19 22.96
N TYR A 17 -15.83 -13.85 24.09
CA TYR A 17 -15.14 -13.23 25.21
C TYR A 17 -13.76 -12.76 24.74
N PHE A 18 -13.06 -13.63 24.02
CA PHE A 18 -11.70 -13.35 23.54
C PHE A 18 -11.72 -13.25 22.03
N GLN A 19 -11.07 -12.20 21.52
CA GLN A 19 -10.92 -12.00 20.09
C GLN A 19 -9.53 -11.45 19.81
N SER A 20 -9.05 -11.61 18.59
CA SER A 20 -7.74 -11.11 18.21
C SER A 20 -7.74 -9.63 17.90
N ALA A 21 -6.70 -8.93 18.34
CA ALA A 21 -6.52 -7.54 17.96
C ALA A 21 -6.27 -7.42 16.44
N ALA A 22 -5.46 -8.33 15.89
CA ALA A 22 -5.14 -8.27 14.46
C ALA A 22 -6.34 -8.64 13.63
N GLY A 23 -6.45 -7.99 12.47
CA GLY A 23 -7.45 -8.28 11.47
C GLY A 23 -6.74 -8.83 10.25
N LEU A 24 -6.44 -7.96 9.27
CA LEU A 24 -5.53 -8.31 8.19
C LEU A 24 -4.19 -8.71 8.79
N HIS A 25 -3.62 -9.81 8.33
CA HIS A 25 -2.39 -10.30 8.92
C HIS A 25 -1.62 -11.10 7.88
N ILE A 26 -0.40 -11.49 8.23
CA ILE A 26 0.45 -12.28 7.37
C ILE A 26 0.47 -13.73 7.85
N SER A 27 0.30 -14.64 6.90
CA SER A 27 0.44 -16.08 7.17
C SER A 27 1.22 -16.68 6.02
N ASP A 28 2.34 -17.32 6.33
CA ASP A 28 3.14 -18.00 5.32
C ASP A 28 3.45 -17.10 4.13
N GLY A 29 3.84 -15.87 4.41
CA GLY A 29 4.30 -14.96 3.38
C GLY A 29 3.21 -14.36 2.53
N ARG A 30 1.95 -14.48 2.96
CA ARG A 30 0.83 -13.93 2.20
C ARG A 30 -0.06 -13.10 3.12
N LEU A 31 -0.82 -12.19 2.51
CA LEU A 31 -1.74 -11.31 3.23
C LEU A 31 -3.10 -11.99 3.31
N VAL A 32 -3.62 -12.15 4.53
CA VAL A 32 -4.86 -12.85 4.75
C VAL A 32 -5.77 -12.01 5.64
N GLU A 33 -7.08 -12.13 5.40
CA GLU A 33 -8.07 -11.46 6.21
C GLU A 33 -8.23 -12.20 7.54
N GLY A 34 -8.94 -11.59 8.49
CA GLY A 34 -9.14 -12.20 9.79
C GLY A 34 -9.81 -13.57 9.71
N ASN A 35 -10.66 -13.75 8.69
CA ASN A 35 -11.34 -15.02 8.47
C ASN A 35 -10.48 -16.06 7.77
N GLY A 36 -9.22 -15.74 7.50
CA GLY A 36 -8.29 -16.68 6.90
C GLY A 36 -8.17 -16.62 5.38
N ASN A 37 -9.04 -15.85 4.73
CA ASN A 37 -9.02 -15.81 3.27
C ASN A 37 -7.87 -14.98 2.71
N ASP A 38 -7.16 -15.54 1.74
CA ASP A 38 -6.09 -14.83 1.04
C ASP A 38 -6.62 -13.57 0.39
N PHE A 39 -5.86 -12.48 0.44
CA PHE A 39 -6.27 -11.22 -0.14
C PHE A 39 -5.16 -10.70 -1.04
N VAL A 40 -5.52 -10.46 -2.32
CA VAL A 40 -4.58 -9.97 -3.32
C VAL A 40 -5.03 -8.56 -3.73
N MET A 41 -4.29 -7.55 -3.29
CA MET A 41 -4.68 -6.17 -3.57
C MET A 41 -4.64 -5.91 -5.08
N ARG A 42 -5.69 -5.26 -5.57
CA ARG A 42 -5.78 -4.80 -6.95
C ARG A 42 -6.41 -3.42 -6.86
N GLY A 43 -5.58 -2.38 -6.93
CA GLY A 43 -6.10 -1.07 -6.61
C GLY A 43 -5.32 0.08 -7.20
N ILE A 44 -5.59 1.25 -6.63
CA ILE A 44 -5.22 2.53 -7.20
C ILE A 44 -4.80 3.48 -6.07
N ASN A 45 -3.74 4.25 -6.34
CA ASN A 45 -3.32 5.35 -5.48
C ASN A 45 -4.13 6.62 -5.77
N HIS A 46 -4.58 7.29 -4.72
CA HIS A 46 -5.27 8.58 -4.82
C HIS A 46 -4.58 9.63 -3.95
N ALA A 47 -4.20 10.74 -4.58
CA ALA A 47 -3.44 11.80 -3.97
C ALA A 47 -4.30 12.76 -3.11
N HIS A 48 -4.95 12.18 -2.12
CA HIS A 48 -5.90 12.89 -1.27
C HIS A 48 -5.33 14.16 -0.65
N THR A 49 -4.11 14.12 -0.12
CA THR A 49 -3.60 15.27 0.63
C THR A 49 -3.48 16.53 -0.23
N TRP A 50 -3.27 16.35 -1.54
CA TRP A 50 -3.13 17.48 -2.45
C TRP A 50 -4.44 17.85 -3.14
N TYR A 51 -5.46 17.00 -3.01
CA TYR A 51 -6.75 17.16 -3.69
C TYR A 51 -7.91 16.92 -2.73
N PRO A 52 -8.04 17.77 -1.71
CA PRO A 52 -9.12 17.58 -0.73
C PRO A 52 -10.53 17.68 -1.33
N GLY A 53 -10.66 18.35 -2.47
CA GLY A 53 -11.96 18.50 -3.12
C GLY A 53 -12.32 17.35 -4.04
N GLU A 54 -11.54 16.28 -4.04
CA GLU A 54 -11.75 15.16 -4.97
C GLU A 54 -12.00 13.84 -4.23
N THR A 55 -12.72 13.89 -3.11
CA THR A 55 -12.95 12.67 -2.35
C THR A 55 -13.90 11.69 -3.03
N GLN A 56 -14.67 12.15 -4.01
CA GLN A 56 -15.47 11.26 -4.83
C GLN A 56 -14.60 10.23 -5.57
N SER A 57 -13.30 10.50 -5.68
CA SER A 57 -12.37 9.54 -6.25
C SER A 57 -12.46 8.18 -5.59
N LEU A 58 -12.75 8.11 -4.29
CA LEU A 58 -12.80 6.81 -3.60
C LEU A 58 -13.92 5.94 -4.21
N ALA A 59 -15.12 6.48 -4.31
CA ALA A 59 -16.23 5.75 -4.91
C ALA A 59 -15.95 5.44 -6.39
N ASP A 60 -15.33 6.38 -7.11
CA ASP A 60 -15.03 6.13 -8.52
C ASP A 60 -14.02 4.98 -8.66
N ILE A 61 -13.03 4.94 -7.78
CA ILE A 61 -12.05 3.86 -7.74
C ILE A 61 -12.75 2.53 -7.47
N LYS A 62 -13.67 2.48 -6.52
CA LYS A 62 -14.41 1.25 -6.28
C LYS A 62 -15.17 0.81 -7.55
N ALA A 63 -15.72 1.76 -8.29
CA ALA A 63 -16.49 1.45 -9.49
C ALA A 63 -15.67 0.76 -10.58
N THR A 64 -14.34 0.89 -10.54
CA THR A 64 -13.48 0.16 -11.46
C THR A 64 -13.42 -1.35 -11.18
N GLY A 65 -13.86 -1.75 -9.99
CA GLY A 65 -13.67 -3.11 -9.51
C GLY A 65 -12.52 -3.23 -8.52
N ALA A 66 -11.71 -2.18 -8.39
CA ALA A 66 -10.60 -2.15 -7.42
C ALA A 66 -11.09 -2.60 -6.04
N ASN A 67 -10.22 -3.31 -5.33
CA ASN A 67 -10.53 -3.78 -3.99
C ASN A 67 -9.81 -2.99 -2.88
N THR A 68 -8.90 -2.10 -3.27
CA THR A 68 -8.03 -1.37 -2.35
C THR A 68 -7.74 0.00 -2.94
N VAL A 69 -7.61 0.99 -2.06
CA VAL A 69 -7.11 2.31 -2.42
C VAL A 69 -5.95 2.65 -1.49
N ARG A 70 -4.88 3.21 -2.06
CA ARG A 70 -3.78 3.78 -1.28
C ARG A 70 -3.96 5.29 -1.26
N VAL A 71 -4.13 5.83 -0.06
CA VAL A 71 -4.48 7.22 0.17
C VAL A 71 -3.26 7.99 0.64
N VAL A 72 -2.89 9.02 -0.14
CA VAL A 72 -1.75 9.86 0.18
C VAL A 72 -2.15 10.85 1.28
N LEU A 73 -1.47 10.75 2.44
CA LEU A 73 -1.60 11.68 3.54
C LEU A 73 -0.31 12.48 3.71
N SER A 74 -0.41 13.57 4.45
CA SER A 74 0.76 14.29 4.94
C SER A 74 0.76 14.32 6.46
N ASP A 75 1.96 14.18 7.03
CA ASP A 75 2.19 14.35 8.46
C ASP A 75 2.57 15.77 8.85
N GLY A 76 2.50 16.71 7.93
CA GLY A 76 2.85 18.10 8.22
C GLY A 76 4.33 18.44 8.21
N TYR A 77 5.22 17.49 7.93
CA TYR A 77 6.63 17.84 7.82
C TYR A 77 6.88 18.73 6.59
N ARG A 78 6.23 18.38 5.49
CA ARG A 78 6.42 19.06 4.21
C ARG A 78 5.13 19.66 3.68
N TRP A 79 4.06 18.87 3.66
CA TRP A 79 2.77 19.31 3.14
C TRP A 79 1.82 19.60 4.29
N SER A 80 0.51 19.64 4.02
CA SER A 80 -0.45 20.06 5.03
C SER A 80 -0.99 18.85 5.79
N GLU A 81 -0.73 18.81 7.09
CA GLU A 81 -1.09 17.64 7.89
C GLU A 81 -2.56 17.26 7.75
N ASN A 82 -2.81 15.98 7.49
CA ASN A 82 -4.20 15.50 7.49
C ASN A 82 -4.66 15.24 8.91
N SER A 83 -5.73 15.90 9.31
CA SER A 83 -6.20 15.86 10.68
C SER A 83 -6.81 14.51 11.01
N PRO A 84 -6.94 14.21 12.31
CA PRO A 84 -7.59 12.94 12.67
C PRO A 84 -9.02 12.84 12.17
N GLU A 85 -9.73 13.97 12.14
CA GLU A 85 -11.10 14.00 11.63
C GLU A 85 -11.14 13.67 10.14
N ASP A 86 -10.24 14.29 9.37
CA ASP A 86 -10.13 13.97 7.96
C ASP A 86 -9.84 12.49 7.74
N VAL A 87 -8.86 11.96 8.47
CA VAL A 87 -8.49 10.56 8.29
C VAL A 87 -9.64 9.65 8.68
N ALA A 88 -10.32 9.95 9.79
CA ALA A 88 -11.48 9.15 10.18
C ALA A 88 -12.53 9.15 9.07
N SER A 89 -12.74 10.30 8.45
CA SER A 89 -13.74 10.39 7.39
C SER A 89 -13.37 9.50 6.21
N ILE A 90 -12.09 9.55 5.82
CA ILE A 90 -11.60 8.75 4.71
C ILE A 90 -11.71 7.25 4.99
N ILE A 91 -11.30 6.81 6.18
CA ILE A 91 -11.39 5.38 6.51
C ILE A 91 -12.84 4.92 6.41
N ALA A 92 -13.76 5.70 6.99
CA ALA A 92 -15.15 5.32 7.01
C ALA A 92 -15.73 5.30 5.60
N ARG A 93 -15.33 6.24 4.74
CA ARG A 93 -15.80 6.24 3.35
C ARG A 93 -15.29 5.00 2.62
N CYS A 94 -14.01 4.65 2.82
CA CYS A 94 -13.48 3.44 2.20
C CYS A 94 -14.28 2.22 2.63
N LYS A 95 -14.55 2.10 3.93
CA LYS A 95 -15.34 0.97 4.41
C LYS A 95 -16.73 0.97 3.80
N ALA A 96 -17.36 2.14 3.73
CA ALA A 96 -18.69 2.25 3.14
C ALA A 96 -18.70 1.78 1.68
N GLU A 97 -17.60 2.05 0.97
CA GLU A 97 -17.43 1.65 -0.42
C GLU A 97 -16.84 0.25 -0.58
N ARG A 98 -16.63 -0.47 0.52
CA ARG A 98 -16.09 -1.84 0.46
C ARG A 98 -14.72 -1.87 -0.21
N LEU A 99 -13.88 -0.89 0.16
CA LEU A 99 -12.48 -0.82 -0.20
C LEU A 99 -11.61 -1.03 1.03
N ILE A 100 -10.57 -1.86 0.93
CA ILE A 100 -9.49 -1.85 1.90
C ILE A 100 -8.69 -0.55 1.68
N CYS A 101 -8.20 0.03 2.77
CA CYS A 101 -7.57 1.32 2.75
C CYS A 101 -6.13 1.21 3.21
N VAL A 102 -5.19 1.57 2.33
CA VAL A 102 -3.79 1.69 2.70
C VAL A 102 -3.51 3.17 2.89
N LEU A 103 -3.23 3.60 4.12
CA LEU A 103 -2.88 4.99 4.38
C LEU A 103 -1.37 5.13 4.35
N GLU A 104 -0.85 6.23 3.79
CA GLU A 104 0.61 6.42 3.71
C GLU A 104 0.96 7.88 3.95
N VAL A 105 2.05 8.11 4.67
CA VAL A 105 2.60 9.46 4.87
C VAL A 105 3.61 9.77 3.75
N HIS A 106 3.34 10.80 2.96
CA HIS A 106 4.17 11.05 1.78
C HIS A 106 5.42 11.87 2.09
N ASP A 107 5.46 12.52 3.25
CA ASP A 107 6.48 13.54 3.50
C ASP A 107 7.90 12.98 3.59
N THR A 108 8.05 11.67 3.80
CA THR A 108 9.35 11.02 3.88
C THR A 108 10.05 10.86 2.53
N THR A 109 9.32 11.10 1.43
CA THR A 109 9.80 10.77 0.09
C THR A 109 11.16 11.41 -0.20
N GLY A 110 12.16 10.58 -0.49
CA GLY A 110 13.46 11.07 -0.88
C GLY A 110 14.42 11.48 0.23
N TYR A 111 14.13 11.11 1.48
CA TYR A 111 14.97 11.51 2.60
C TYR A 111 16.44 11.15 2.37
N GLY A 112 17.31 12.08 2.77
CA GLY A 112 18.74 11.93 2.61
C GLY A 112 19.26 12.54 1.32
N GLU A 113 18.35 12.85 0.41
CA GLU A 113 18.69 13.45 -0.86
C GLU A 113 17.89 14.76 -1.01
N ASP A 114 16.59 14.69 -0.82
CA ASP A 114 15.73 15.88 -0.85
C ASP A 114 15.69 16.49 0.55
N ALA A 115 16.22 17.70 0.68
CA ALA A 115 16.33 18.36 1.98
C ALA A 115 14.99 18.69 2.63
N ALA A 116 13.90 18.64 1.87
CA ALA A 116 12.56 18.90 2.40
C ALA A 116 11.88 17.65 2.97
N ALA A 117 12.52 16.49 2.82
CA ALA A 117 11.89 15.23 3.23
C ALA A 117 12.02 14.98 4.73
N GLY A 118 10.97 14.40 5.29
CA GLY A 118 10.95 14.04 6.69
C GLY A 118 11.46 12.64 6.99
N THR A 119 11.52 12.36 8.29
CA THR A 119 12.00 11.09 8.79
C THR A 119 10.86 10.11 9.05
N LEU A 120 11.22 8.83 9.08
CA LEU A 120 10.28 7.79 9.46
C LEU A 120 9.84 7.95 10.91
N ASP A 121 10.72 8.50 11.77
CA ASP A 121 10.33 8.74 13.15
C ASP A 121 9.23 9.79 13.25
N HIS A 122 9.36 10.87 12.47
CA HIS A 122 8.31 11.89 12.44
C HIS A 122 6.99 11.30 11.93
N ALA A 123 7.06 10.46 10.90
CA ALA A 123 5.87 9.79 10.40
C ALA A 123 5.27 8.90 11.50
N ALA A 124 6.10 8.15 12.20
CA ALA A 124 5.61 7.28 13.27
C ALA A 124 4.88 8.08 14.36
N ASP A 125 5.41 9.25 14.73
CA ASP A 125 4.71 10.10 15.70
C ASP A 125 3.33 10.48 15.20
N TYR A 126 3.24 10.79 13.91
CA TYR A 126 1.96 11.15 13.31
C TYR A 126 0.98 9.98 13.39
N TRP A 127 1.43 8.77 13.06
CA TRP A 127 0.57 7.60 13.19
C TRP A 127 0.09 7.42 14.63
N ILE A 128 0.99 7.58 15.60
CA ILE A 128 0.60 7.46 17.00
C ILE A 128 -0.49 8.49 17.34
N GLY A 129 -0.40 9.70 16.78
CA GLY A 129 -1.44 10.72 16.97
C GLY A 129 -2.79 10.32 16.39
N LEU A 130 -2.79 9.39 15.44
CA LEU A 130 -4.02 8.85 14.84
C LEU A 130 -4.51 7.58 15.54
N LYS A 131 -3.88 7.18 16.64
CA LYS A 131 -4.19 5.86 17.21
C LYS A 131 -5.67 5.68 17.53
N ASP A 132 -6.32 6.72 18.06
CA ASP A 132 -7.71 6.59 18.45
C ASP A 132 -8.63 6.41 17.24
N VAL A 133 -8.27 6.94 16.07
N VAL A 133 -8.22 6.94 16.10
CA VAL A 133 -9.08 6.72 14.85
CA VAL A 133 -8.98 6.77 14.88
C VAL A 133 -8.63 5.50 14.03
C VAL A 133 -8.73 5.38 14.28
N LEU A 134 -7.52 4.88 14.41
CA LEU A 134 -7.07 3.65 13.74
C LEU A 134 -7.37 2.37 14.50
N ASP A 135 -7.29 2.39 15.83
CA ASP A 135 -7.53 1.19 16.61
C ASP A 135 -8.94 0.69 16.35
N GLY A 136 -9.07 -0.63 16.21
CA GLY A 136 -10.34 -1.23 15.89
C GLY A 136 -10.61 -1.38 14.39
N GLU A 137 -9.76 -0.78 13.55
CA GLU A 137 -9.95 -0.82 12.10
C GLU A 137 -8.93 -1.76 11.43
N GLU A 138 -8.41 -2.73 12.17
CA GLU A 138 -7.36 -3.62 11.67
C GLU A 138 -7.82 -4.54 10.54
N ASP A 139 -9.13 -4.77 10.40
CA ASP A 139 -9.67 -5.52 9.26
C ASP A 139 -9.69 -4.71 7.97
N TYR A 140 -9.53 -3.39 8.08
CA TYR A 140 -9.90 -2.47 7.01
C TYR A 140 -8.76 -1.58 6.54
N VAL A 141 -7.76 -1.36 7.39
CA VAL A 141 -6.73 -0.34 7.18
C VAL A 141 -5.35 -0.95 7.36
N VAL A 142 -4.47 -0.70 6.40
CA VAL A 142 -3.05 -1.03 6.46
C VAL A 142 -2.27 0.27 6.58
N ILE A 143 -1.30 0.30 7.50
CA ILE A 143 -0.50 1.49 7.75
C ILE A 143 0.83 1.40 7.00
N ASN A 144 1.01 2.26 6.00
CA ASN A 144 2.25 2.32 5.22
C ASN A 144 3.07 3.47 5.79
N ILE A 145 4.12 3.12 6.54
CA ILE A 145 4.72 4.08 7.47
C ILE A 145 5.09 5.40 6.78
N GLY A 146 5.85 5.31 5.70
CA GLY A 146 6.28 6.48 4.96
C GLY A 146 6.60 6.10 3.52
N ASN A 147 6.11 6.92 2.59
CA ASN A 147 6.39 6.72 1.18
C ASN A 147 7.87 6.84 0.87
N GLU A 148 8.38 5.91 0.07
CA GLU A 148 9.72 6.03 -0.56
C GLU A 148 10.70 6.77 0.35
N PRO A 149 10.96 6.22 1.55
CA PRO A 149 11.47 7.08 2.63
C PRO A 149 12.99 7.27 2.63
N TRP A 150 13.62 7.00 1.49
CA TRP A 150 15.04 7.28 1.30
C TRP A 150 15.24 7.53 -0.19
N GLY A 151 16.09 8.50 -0.49
CA GLY A 151 16.54 8.75 -1.85
C GLY A 151 17.68 7.86 -2.25
N ASN A 152 18.54 8.38 -3.13
CA ASN A 152 19.63 7.61 -3.71
C ASN A 152 20.95 7.75 -2.97
N ALA A 153 21.03 8.66 -2.00
CA ALA A 153 22.24 8.85 -1.21
C ALA A 153 22.28 7.85 -0.05
N ASP A 154 23.29 6.99 -0.06
CA ASP A 154 23.53 6.02 1.01
C ASP A 154 22.28 5.24 1.41
N PRO A 155 21.70 4.49 0.46
CA PRO A 155 20.47 3.74 0.79
C PRO A 155 20.65 2.68 1.88
N ALA A 156 21.86 2.24 2.17
CA ALA A 156 22.09 1.34 3.29
C ALA A 156 21.58 1.94 4.62
N GLY A 157 21.50 3.25 4.69
CA GLY A 157 21.00 3.91 5.89
C GLY A 157 19.52 3.68 6.18
N TRP A 158 18.80 3.10 5.22
CA TRP A 158 17.35 2.88 5.34
C TRP A 158 16.98 1.86 6.42
N THR A 159 17.83 0.86 6.63
CA THR A 159 17.41 -0.32 7.39
C THR A 159 17.16 0.00 8.87
N ALA A 160 18.10 0.71 9.49
CA ALA A 160 17.97 0.99 10.91
C ALA A 160 16.73 1.84 11.26
N PRO A 161 16.49 2.95 10.54
CA PRO A 161 15.29 3.74 10.89
C PRO A 161 13.98 3.05 10.50
N THR A 162 13.99 2.21 9.47
CA THR A 162 12.80 1.43 9.14
C THR A 162 12.47 0.46 10.27
N THR A 163 13.47 -0.28 10.71
CA THR A 163 13.33 -1.20 11.82
C THR A 163 12.83 -0.46 13.06
N ALA A 164 13.46 0.67 13.38
CA ALA A 164 13.09 1.42 14.57
C ALA A 164 11.64 1.92 14.49
N ALA A 165 11.21 2.36 13.31
CA ALA A 165 9.85 2.88 13.17
C ALA A 165 8.81 1.76 13.35
N ILE A 166 9.08 0.59 12.80
CA ILE A 166 8.20 -0.56 13.02
C ILE A 166 8.10 -0.85 14.51
N GLN A 167 9.25 -0.91 15.18
CA GLN A 167 9.26 -1.21 16.61
C GLN A 167 8.50 -0.14 17.41
N LYS A 168 8.64 1.11 17.02
CA LYS A 168 7.96 2.21 17.70
C LYS A 168 6.43 2.09 17.56
N LEU A 169 5.96 1.74 16.37
CA LEU A 169 4.53 1.55 16.18
C LEU A 169 4.02 0.36 16.98
N ARG A 170 4.77 -0.75 16.99
CA ARG A 170 4.35 -1.89 17.79
C ARG A 170 4.34 -1.56 19.28
N ALA A 171 5.35 -0.81 19.74
CA ALA A 171 5.43 -0.46 21.15
C ALA A 171 4.30 0.48 21.58
N ALA A 172 3.73 1.22 20.63
CA ALA A 172 2.60 2.09 20.89
C ALA A 172 1.28 1.31 20.88
N GLY A 173 1.33 0.03 20.55
CA GLY A 173 0.14 -0.80 20.60
C GLY A 173 -0.58 -1.06 19.29
N PHE A 174 0.01 -0.70 18.15
CA PHE A 174 -0.64 -0.96 16.88
C PHE A 174 -0.65 -2.44 16.55
N ALA A 175 -1.83 -2.93 16.15
CA ALA A 175 -2.00 -4.32 15.72
C ALA A 175 -2.28 -4.47 14.21
N HIS A 176 -2.35 -3.37 13.48
CA HIS A 176 -2.55 -3.40 12.04
C HIS A 176 -1.41 -4.09 11.32
N THR A 177 -1.70 -4.62 10.15
CA THR A 177 -0.61 -4.90 9.21
C THR A 177 0.05 -3.57 8.84
N ILE A 178 1.38 -3.58 8.88
CA ILE A 178 2.22 -2.45 8.54
C ILE A 178 2.92 -2.73 7.21
N MET A 179 2.93 -1.74 6.33
CA MET A 179 3.59 -1.81 5.03
C MET A 179 4.80 -0.86 5.04
N VAL A 180 5.95 -1.33 4.55
CA VAL A 180 7.14 -0.48 4.45
C VAL A 180 7.64 -0.42 3.02
N ASP A 181 8.03 0.79 2.63
CA ASP A 181 8.57 1.08 1.31
C ASP A 181 10.11 1.02 1.33
N ALA A 182 10.68 0.90 0.14
CA ALA A 182 12.11 0.76 -0.10
C ALA A 182 12.84 2.08 -0.28
N PRO A 183 14.18 2.05 -0.13
CA PRO A 183 15.01 3.21 -0.47
C PRO A 183 15.22 3.34 -2.00
N ASN A 184 16.09 4.25 -2.44
CA ASN A 184 16.20 4.60 -3.87
C ASN A 184 14.84 5.03 -4.45
N TRP A 185 14.17 5.92 -3.73
CA TRP A 185 12.86 6.46 -4.14
C TRP A 185 11.87 5.32 -4.40
N GLY A 186 11.91 4.32 -3.54
CA GLY A 186 11.00 3.20 -3.61
C GLY A 186 11.36 2.10 -4.59
N GLN A 187 12.34 2.32 -5.48
CA GLN A 187 12.66 1.34 -6.51
C GLN A 187 13.73 0.34 -6.07
N ASP A 188 14.36 0.57 -4.93
CA ASP A 188 15.33 -0.39 -4.37
C ASP A 188 16.43 -0.76 -5.36
N TRP A 189 16.93 0.22 -6.12
CA TRP A 189 17.95 -0.01 -7.14
C TRP A 189 19.21 -0.70 -6.61
N GLU A 190 19.65 -0.32 -5.41
CA GLU A 190 20.84 -0.93 -4.82
C GLU A 190 20.56 -2.22 -4.08
N GLY A 191 19.29 -2.62 -3.99
CA GLY A 191 18.94 -3.89 -3.41
C GLY A 191 18.96 -3.95 -1.90
N VAL A 192 18.95 -2.82 -1.20
CA VAL A 192 19.01 -2.82 0.25
C VAL A 192 17.77 -3.47 0.87
N MET A 193 16.57 -3.12 0.42
CA MET A 193 15.38 -3.74 1.00
C MET A 193 15.37 -5.24 0.68
N ARG A 194 15.68 -5.59 -0.56
CA ARG A 194 15.72 -7.00 -0.95
C ARG A 194 16.67 -7.79 -0.05
N ALA A 195 17.84 -7.22 0.25
CA ALA A 195 18.83 -7.91 1.08
C ALA A 195 18.43 -7.96 2.54
N ASP A 196 17.91 -6.86 3.06
CA ASP A 196 17.71 -6.70 4.50
C ASP A 196 16.29 -7.05 4.94
N ALA A 197 15.42 -7.41 4.00
CA ALA A 197 14.02 -7.65 4.33
C ALA A 197 13.82 -8.68 5.44
N ARG A 198 14.52 -9.81 5.39
N ARG A 198 14.54 -9.80 5.40
CA ARG A 198 14.29 -10.80 6.45
CA ARG A 198 14.35 -10.81 6.44
C ARG A 198 14.59 -10.21 7.82
C ARG A 198 14.67 -10.24 7.83
N SER A 199 15.72 -9.52 7.95
N SER A 199 15.74 -9.46 7.93
CA SER A 199 16.06 -8.91 9.23
CA SER A 199 16.12 -8.85 9.20
C SER A 199 14.95 -7.96 9.69
C SER A 199 15.10 -7.83 9.71
N VAL A 200 14.46 -7.13 8.79
CA VAL A 200 13.42 -6.17 9.12
C VAL A 200 12.14 -6.90 9.52
N TYR A 201 11.77 -7.92 8.76
CA TYR A 201 10.57 -8.72 9.04
C TYR A 201 10.66 -9.35 10.43
N ASP A 202 11.82 -9.91 10.76
CA ASP A 202 12.02 -10.55 12.05
C ASP A 202 11.91 -9.55 13.22
N ALA A 203 12.11 -8.26 12.94
CA ALA A 203 12.01 -7.22 13.97
C ALA A 203 10.56 -6.85 14.33
N ASP A 204 9.59 -7.30 13.53
CA ASP A 204 8.19 -7.07 13.86
C ASP A 204 7.69 -8.28 14.65
N PRO A 205 7.49 -8.13 15.96
CA PRO A 205 7.12 -9.31 16.76
C PRO A 205 5.78 -9.95 16.38
N THR A 206 4.93 -9.23 15.66
CA THR A 206 3.63 -9.77 15.25
C THR A 206 3.72 -10.55 13.94
N GLY A 207 4.81 -10.37 13.19
CA GLY A 207 4.91 -10.91 11.84
C GLY A 207 4.01 -10.23 10.82
N ASN A 208 3.27 -9.19 11.22
CA ASN A 208 2.27 -8.58 10.35
C ASN A 208 2.84 -7.37 9.61
N LEU A 209 3.83 -7.67 8.77
CA LEU A 209 4.60 -6.68 8.03
C LEU A 209 4.64 -7.12 6.57
N ILE A 210 4.43 -6.17 5.66
CA ILE A 210 4.52 -6.44 4.24
C ILE A 210 5.41 -5.39 3.58
N PHE A 211 6.27 -5.85 2.68
CA PHE A 211 7.17 -4.99 1.92
C PHE A 211 6.51 -4.50 0.66
N SER A 212 6.80 -3.27 0.28
CA SER A 212 6.24 -2.68 -0.93
C SER A 212 7.35 -2.19 -1.83
N ILE A 213 7.37 -2.69 -3.07
CA ILE A 213 8.27 -2.21 -4.11
C ILE A 213 7.51 -1.25 -5.02
N HIS A 214 8.16 -0.17 -5.44
CA HIS A 214 7.61 0.75 -6.42
C HIS A 214 8.36 0.53 -7.72
N MET A 215 7.67 0.10 -8.76
CA MET A 215 8.35 -0.27 -10.00
C MET A 215 8.14 0.76 -11.10
N TYR A 216 9.19 1.53 -11.35
CA TYR A 216 9.23 2.50 -12.44
C TYR A 216 10.36 2.09 -13.39
N SER A 217 11.16 3.02 -13.91
CA SER A 217 12.05 2.69 -15.02
C SER A 217 13.24 1.78 -14.71
N VAL A 218 13.51 1.52 -13.44
CA VAL A 218 14.50 0.50 -13.10
C VAL A 218 14.02 -0.86 -13.64
N TYR A 219 12.71 -1.06 -13.66
CA TYR A 219 12.13 -2.35 -13.99
C TYR A 219 11.65 -2.35 -15.44
N ASP A 220 12.60 -2.25 -16.35
CA ASP A 220 12.32 -2.01 -17.76
C ASP A 220 12.52 -3.24 -18.64
N THR A 221 12.77 -4.38 -18.03
CA THR A 221 12.79 -5.65 -18.76
C THR A 221 12.03 -6.69 -17.96
N ALA A 222 11.60 -7.75 -18.63
CA ALA A 222 10.85 -8.82 -17.98
C ALA A 222 11.68 -9.46 -16.88
N ALA A 223 12.96 -9.71 -17.16
CA ALA A 223 13.82 -10.39 -16.20
C ALA A 223 13.98 -9.57 -14.92
N LYS A 224 14.09 -8.25 -15.04
CA LYS A 224 14.25 -7.42 -13.86
C LYS A 224 13.01 -7.47 -12.96
N VAL A 225 11.84 -7.49 -13.58
CA VAL A 225 10.59 -7.60 -12.84
C VAL A 225 10.47 -8.96 -12.14
N THR A 226 10.63 -10.04 -12.91
CA THR A 226 10.40 -11.37 -12.35
C THR A 226 11.47 -11.72 -11.30
N ASP A 227 12.69 -11.29 -11.56
N ASP A 227 12.70 -11.32 -11.51
CA ASP A 227 13.82 -11.46 -10.63
CA ASP A 227 13.72 -11.62 -10.51
C ASP A 227 13.48 -10.96 -9.24
C ASP A 227 13.36 -11.01 -9.17
N TYR A 228 12.93 -9.75 -9.16
CA TYR A 228 12.65 -9.07 -7.90
C TYR A 228 11.47 -9.74 -7.18
N LEU A 229 10.38 -9.97 -7.90
CA LEU A 229 9.18 -10.53 -7.29
C LEU A 229 9.42 -11.95 -6.78
N ASN A 230 10.09 -12.77 -7.59
CA ASN A 230 10.40 -14.13 -7.16
C ASN A 230 11.35 -14.18 -5.97
N ALA A 231 12.23 -13.18 -5.84
CA ALA A 231 13.18 -13.16 -4.74
C ALA A 231 12.43 -13.19 -3.40
N PHE A 232 11.38 -12.39 -3.29
CA PHE A 232 10.60 -12.32 -2.05
C PHE A 232 9.79 -13.60 -1.86
N VAL A 233 9.11 -14.06 -2.91
CA VAL A 233 8.30 -15.27 -2.78
C VAL A 233 9.17 -16.45 -2.34
N ASP A 234 10.34 -16.61 -2.96
CA ASP A 234 11.20 -17.74 -2.65
C ASP A 234 11.75 -17.66 -1.23
N ALA A 235 11.89 -16.44 -0.71
CA ALA A 235 12.38 -16.23 0.66
C ALA A 235 11.25 -16.31 1.68
N GLY A 236 10.01 -16.50 1.22
CA GLY A 236 8.88 -16.58 2.12
C GLY A 236 8.43 -15.25 2.70
N LEU A 237 8.81 -14.13 2.06
CA LEU A 237 8.53 -12.79 2.59
C LEU A 237 7.40 -12.12 1.81
N PRO A 238 6.47 -11.47 2.51
CA PRO A 238 5.32 -10.87 1.83
C PRO A 238 5.74 -9.61 1.07
N LEU A 239 5.13 -9.42 -0.10
CA LEU A 239 5.47 -8.32 -0.99
C LEU A 239 4.24 -7.89 -1.77
N LEU A 240 4.13 -6.59 -2.03
CA LEU A 240 3.24 -6.07 -3.06
C LEU A 240 3.97 -5.01 -3.86
N ILE A 241 3.40 -4.69 -5.01
CA ILE A 241 3.86 -3.59 -5.85
C ILE A 241 2.97 -2.38 -5.51
N GLY A 242 3.40 -1.58 -4.54
CA GLY A 242 2.54 -0.54 -3.98
C GLY A 242 2.38 0.69 -4.86
N GLU A 243 3.29 0.85 -5.81
CA GLU A 243 3.13 1.77 -6.94
C GLU A 243 3.78 1.14 -8.15
N PHE A 244 3.23 1.39 -9.32
CA PHE A 244 3.95 1.12 -10.55
C PHE A 244 3.49 2.08 -11.61
N GLY A 245 4.40 2.28 -12.55
CA GLY A 245 4.16 3.02 -13.77
C GLY A 245 4.19 2.12 -14.98
N GLY A 246 4.40 2.71 -16.16
CA GLY A 246 4.23 1.96 -17.37
C GLY A 246 4.70 2.75 -18.57
N PRO A 247 4.10 3.92 -18.81
CA PRO A 247 4.54 4.74 -19.94
C PRO A 247 6.02 5.14 -19.81
N ALA A 248 6.73 5.19 -20.93
CA ALA A 248 8.14 5.56 -20.88
C ALA A 248 8.32 6.96 -20.31
N ASP A 249 9.36 7.13 -19.49
CA ASP A 249 9.77 8.47 -19.03
C ASP A 249 11.22 8.72 -19.47
N GLN A 250 11.84 9.76 -18.92
CA GLN A 250 13.19 10.12 -19.36
C GLN A 250 14.25 9.12 -18.93
N TYR A 251 13.87 8.18 -18.06
CA TYR A 251 14.83 7.22 -17.53
C TYR A 251 14.70 5.82 -18.10
N GLY A 252 13.61 5.57 -18.81
CA GLY A 252 13.41 4.27 -19.42
C GLY A 252 11.93 3.97 -19.59
N ASP A 253 11.61 2.71 -19.84
CA ASP A 253 10.23 2.30 -20.06
C ASP A 253 9.86 1.17 -19.10
N PRO A 254 9.15 1.48 -18.00
CA PRO A 254 8.75 0.41 -17.08
C PRO A 254 7.95 -0.66 -17.82
N ASP A 255 8.23 -1.94 -17.52
CA ASP A 255 7.56 -3.06 -18.17
C ASP A 255 6.28 -3.46 -17.43
N GLU A 256 5.24 -2.66 -17.63
CA GLU A 256 3.99 -2.87 -16.91
C GLU A 256 3.35 -4.22 -17.25
N ASP A 257 3.53 -4.71 -18.48
CA ASP A 257 2.92 -5.98 -18.86
C ASP A 257 3.44 -7.12 -17.99
N THR A 258 4.76 -7.20 -17.82
CA THR A 258 5.32 -8.26 -17.00
C THR A 258 4.97 -8.05 -15.53
N MET A 259 4.91 -6.81 -15.06
CA MET A 259 4.54 -6.56 -13.67
C MET A 259 3.16 -7.14 -13.39
N MET A 260 2.20 -6.82 -14.24
CA MET A 260 0.82 -7.21 -14.00
C MET A 260 0.64 -8.72 -14.18
N ALA A 261 1.29 -9.28 -15.21
CA ALA A 261 1.20 -10.72 -15.46
C ALA A 261 1.84 -11.53 -14.34
N THR A 262 2.99 -11.07 -13.86
CA THR A 262 3.70 -11.81 -12.82
C THR A 262 2.99 -11.63 -11.46
N ALA A 263 2.44 -10.45 -11.20
CA ALA A 263 1.62 -10.27 -10.00
C ALA A 263 0.44 -11.23 -10.00
N GLU A 264 -0.16 -11.47 -11.17
CA GLU A 264 -1.27 -12.42 -11.26
C GLU A 264 -0.77 -13.85 -11.04
N GLU A 265 0.35 -14.20 -11.67
CA GLU A 265 0.90 -15.55 -11.55
C GLU A 265 1.23 -15.90 -10.09
N LEU A 266 1.88 -14.97 -9.41
CA LEU A 266 2.35 -15.18 -8.04
C LEU A 266 1.31 -14.78 -6.99
N GLY A 267 0.20 -14.18 -7.42
CA GLY A 267 -0.78 -13.69 -6.46
C GLY A 267 -0.25 -12.60 -5.54
N LEU A 268 0.49 -11.64 -6.12
CA LEU A 268 0.99 -10.50 -5.37
C LEU A 268 0.13 -9.28 -5.66
N GLY A 269 -0.08 -8.46 -4.65
CA GLY A 269 -0.83 -7.24 -4.82
C GLY A 269 -0.16 -6.22 -5.73
N TYR A 270 -0.97 -5.36 -6.35
CA TYR A 270 -0.47 -4.17 -7.04
C TYR A 270 -1.43 -3.02 -6.84
N LEU A 271 -0.86 -1.83 -6.84
CA LEU A 271 -1.60 -0.57 -6.71
C LEU A 271 -1.02 0.39 -7.75
N ALA A 272 -1.81 0.72 -8.77
CA ALA A 272 -1.32 1.58 -9.84
C ALA A 272 -1.22 3.03 -9.38
N TRP A 273 -0.23 3.75 -9.89
CA TRP A 273 -0.10 5.19 -9.67
C TRP A 273 -0.52 5.93 -10.95
N SER A 274 -1.50 6.84 -10.94
CA SER A 274 -2.40 7.18 -9.83
C SER A 274 -3.72 7.63 -10.46
N TRP A 275 -4.74 7.81 -9.65
CA TRP A 275 -6.07 8.13 -10.17
C TRP A 275 -6.05 9.38 -11.05
N SER A 276 -5.59 10.51 -10.51
CA SER A 276 -5.54 11.75 -11.27
C SER A 276 -4.72 12.78 -10.50
N GLY A 277 -4.30 13.83 -11.20
CA GLY A 277 -3.72 14.98 -10.54
C GLY A 277 -2.21 15.08 -10.52
N ASN A 278 -1.50 14.23 -11.26
CA ASN A 278 -0.05 14.36 -11.33
C ASN A 278 0.34 15.65 -12.02
N THR A 279 1.47 16.22 -11.62
CA THR A 279 1.97 17.41 -12.29
C THR A 279 2.13 17.12 -13.78
N ASP A 280 2.67 15.95 -14.11
CA ASP A 280 2.66 15.43 -15.48
C ASP A 280 1.58 14.36 -15.59
N PRO A 281 0.49 14.63 -16.33
CA PRO A 281 -0.64 13.69 -16.33
C PRO A 281 -0.41 12.37 -17.09
N VAL A 282 0.80 12.09 -17.54
CA VAL A 282 1.07 10.82 -18.19
C VAL A 282 0.69 9.61 -17.30
N LEU A 283 0.81 9.75 -15.98
CA LEU A 283 0.42 8.67 -15.07
C LEU A 283 -0.99 8.86 -14.48
N ASP A 284 -1.74 9.85 -14.95
CA ASP A 284 -3.14 9.96 -14.52
C ASP A 284 -3.96 8.88 -15.20
N LEU A 285 -4.66 8.05 -14.43
CA LEU A 285 -5.54 7.04 -15.00
C LEU A 285 -6.75 7.69 -15.65
N VAL A 286 -7.28 8.75 -15.03
CA VAL A 286 -8.32 9.58 -15.61
C VAL A 286 -7.85 11.03 -15.65
N LEU A 287 -8.28 11.76 -16.67
CA LEU A 287 -7.95 13.18 -16.79
C LEU A 287 -8.95 13.98 -15.98
N ASP A 288 -8.44 14.95 -15.23
CA ASP A 288 -9.29 15.88 -14.51
C ASP A 288 -10.27 15.20 -13.57
N PHE A 289 -9.88 14.06 -13.00
CA PHE A 289 -10.68 13.37 -12.00
C PHE A 289 -12.02 12.91 -12.59
N ASP A 290 -12.06 12.74 -13.92
CA ASP A 290 -13.31 12.47 -14.63
C ASP A 290 -13.30 11.04 -15.19
N PRO A 291 -14.13 10.13 -14.64
CA PRO A 291 -14.18 8.76 -15.17
C PRO A 291 -14.50 8.65 -16.67
N THR A 292 -15.12 9.68 -17.25
CA THR A 292 -15.42 9.64 -18.69
C THR A 292 -14.24 10.12 -19.55
N ARG A 293 -13.10 10.34 -18.90
CA ARG A 293 -11.88 10.77 -19.59
C ARG A 293 -10.70 9.87 -19.21
N LEU A 294 -10.87 8.56 -19.36
CA LEU A 294 -9.76 7.64 -19.14
C LEU A 294 -8.63 7.94 -20.08
N SER A 295 -7.41 7.94 -19.56
CA SER A 295 -6.23 8.11 -20.36
C SER A 295 -5.84 6.77 -20.97
N SER A 296 -4.82 6.80 -21.81
CA SER A 296 -4.24 5.56 -22.34
C SER A 296 -3.78 4.64 -21.21
N TRP A 297 -3.14 5.21 -20.21
CA TRP A 297 -2.68 4.45 -19.04
C TRP A 297 -3.87 3.89 -18.25
N GLY A 298 -4.92 4.68 -18.08
CA GLY A 298 -6.13 4.19 -17.43
C GLY A 298 -6.75 3.02 -18.18
N GLU A 299 -6.85 3.09 -19.50
N GLU A 299 -6.83 3.13 -19.50
CA GLU A 299 -7.40 1.97 -20.23
CA GLU A 299 -7.33 2.05 -20.36
C GLU A 299 -6.54 0.72 -20.00
C GLU A 299 -6.54 0.75 -20.12
N ARG A 300 -5.21 0.87 -20.06
CA ARG A 300 -4.33 -0.27 -19.85
C ARG A 300 -4.54 -0.92 -18.48
N VAL A 301 -4.53 -0.10 -17.43
CA VAL A 301 -4.61 -0.63 -16.08
C VAL A 301 -5.99 -1.18 -15.73
N LEU A 302 -7.04 -0.46 -16.10
N LEU A 302 -7.04 -0.47 -16.11
CA LEU A 302 -8.38 -0.91 -15.77
CA LEU A 302 -8.38 -0.91 -15.76
C LEU A 302 -8.80 -2.08 -16.63
C LEU A 302 -8.85 -2.06 -16.64
N HIS A 303 -8.62 -1.96 -17.95
CA HIS A 303 -9.29 -2.84 -18.91
C HIS A 303 -8.38 -3.79 -19.66
N GLY A 304 -7.07 -3.66 -19.51
CA GLY A 304 -6.15 -4.51 -20.24
C GLY A 304 -5.88 -5.82 -19.56
N PRO A 305 -5.01 -6.65 -20.19
CA PRO A 305 -4.68 -7.96 -19.64
C PRO A 305 -4.16 -7.86 -18.20
N ASP A 306 -4.63 -8.75 -17.34
CA ASP A 306 -4.22 -8.80 -15.94
C ASP A 306 -4.59 -7.53 -15.17
N GLY A 307 -5.52 -6.74 -15.72
CA GLY A 307 -5.90 -5.47 -15.16
C GLY A 307 -6.91 -5.57 -14.05
N ILE A 308 -7.37 -4.41 -13.59
CA ILE A 308 -8.17 -4.36 -12.39
C ILE A 308 -9.54 -4.99 -12.61
N THR A 309 -10.19 -4.62 -13.68
CA THR A 309 -11.54 -5.09 -13.84
C THR A 309 -11.53 -6.63 -14.04
N GLU A 310 -10.52 -7.16 -14.74
CA GLU A 310 -10.37 -8.61 -14.93
C GLU A 310 -10.06 -9.40 -13.66
N THR A 311 -9.21 -8.85 -12.80
CA THR A 311 -8.62 -9.66 -11.73
C THR A 311 -9.02 -9.31 -10.29
N SER A 312 -9.56 -8.11 -10.06
CA SER A 312 -9.80 -7.69 -8.69
C SER A 312 -10.99 -8.39 -8.04
N ARG A 313 -10.79 -8.89 -6.83
CA ARG A 313 -11.87 -9.48 -6.03
C ARG A 313 -12.04 -8.69 -4.73
N GLU A 314 -13.27 -8.31 -4.42
CA GLU A 314 -13.58 -7.59 -3.19
C GLU A 314 -13.08 -8.35 -1.95
N ALA A 315 -12.60 -7.64 -0.95
CA ALA A 315 -12.25 -8.27 0.32
C ALA A 315 -13.48 -8.95 0.91
N THR A 316 -13.30 -10.16 1.42
CA THR A 316 -14.42 -10.93 1.93
C THR A 316 -14.94 -10.43 3.29
N VAL A 317 -14.18 -9.60 3.99
CA VAL A 317 -14.67 -9.05 5.25
C VAL A 317 -15.95 -8.23 5.04
N PHE A 318 -16.15 -7.70 3.83
CA PHE A 318 -17.33 -6.88 3.53
C PHE A 318 -18.56 -7.70 3.22
MG MG B . 6.06 0.52 -20.23
MG MG C . -11.50 -9.76 14.29
MG MG D . 23.72 -3.93 2.92
CL CL E . 17.51 -7.49 -18.05
MG MG F . -36.94 -25.61 16.20
CL CL G . -8.93 19.71 -4.72
MG MG H . -16.57 11.33 1.12
#